data_9DP3
#
_entry.id   9DP3
#
_cell.length_a   44.205
_cell.length_b   60.834
_cell.length_c   73.619
_cell.angle_alpha   82.55
_cell.angle_beta   77.17
_cell.angle_gamma   85.85
#
_symmetry.space_group_name_H-M   'P 1'
#
loop_
_entity.id
_entity.type
_entity.pdbx_description
1 polymer 'DNA repair nuclease/redox regulator APEX1, mitochondrial'
2 polymer "DNA (5'-D(P*(3DR)P*CP*GP*AP*CP*GP*GP*AP*TP*CP*C)-3')"
3 polymer "DNA (5'-D(*GP*CP*TP*GP*AP*TP*GP*CP*GP*C)-3')"
4 polymer "DNA (5'-D(*GP*GP*AP*TP*CP*CP*GP*TP*CP*GP*GP*GP*CP*GP*CP*AP*TP*CP*AP*GP*C)-3')"
5 non-polymer 'SULFATE ION'
6 water water
#
loop_
_entity_poly.entity_id
_entity_poly.type
_entity_poly.pdbx_seq_one_letter_code
_entity_poly.pdbx_strand_id
1 'polypeptide(L)'
;ALYEDPPDQKTSPSGKPATLKICSWNVDGLRAWIKKKGLDWVKEEAPDILCLQETKCSENKLPAELQELPGLSHQYWSAP
SDKEGYSGVGLLSRQAPLKVSYGIGDEEHDQEGRVIVAEFDSFVLVTAYVPDAGRGLVRLEYRQRWDEAFRKFLKGLASR
KPLVLCGDLNVAHEEIDLRNPKGNKKNAGFTPQERQGFGELLQAVPLADSFRHLYPNTPYAYTFWTYMMNARSKNVGWRL
DYFLLSHSLLPALCDSKIRSKALGSDHCPITLYLAL
;
A,B
2 'polydeoxyribonucleotide' (3DR)(DC)(DG)(DA)(DC)(DG)(DG)(DA)(DT)(DC)(DC) D
3 'polydeoxyribonucleotide' (DG)(DC)(DT)(DG)(DA)(DT)(DG)(DC)(DG)(DC) E
4 'polydeoxyribonucleotide'
;(DG)(DG)(DA)(DT)(DC)(DC)(DG)(DT)(DC)(DG)(DG)(DG)(DC)(DG)(DC)(DA)(DT)(DC)(DA)(DG)
(DC)
;
F
#
loop_
_chem_comp.id
_chem_comp.type
_chem_comp.name
_chem_comp.formula
3DR DNA linking 1',2'-DIDEOXYRIBOFURANOSE-5'-PHOSPHATE 'C5 H11 O6 P'
DA DNA linking 2'-DEOXYADENOSINE-5'-MONOPHOSPHATE 'C10 H14 N5 O6 P'
DC DNA linking 2'-DEOXYCYTIDINE-5'-MONOPHOSPHATE 'C9 H14 N3 O7 P'
DG DNA linking 2'-DEOXYGUANOSINE-5'-MONOPHOSPHATE 'C10 H14 N5 O7 P'
DT DNA linking THYMIDINE-5'-MONOPHOSPHATE 'C10 H15 N2 O8 P'
SO4 non-polymer 'SULFATE ION' 'O4 S -2'
#
# COMPACT_ATOMS: atom_id res chain seq x y z
N ALA A 1 3.62 19.80 38.29
CA ALA A 1 3.84 18.60 39.12
C ALA A 1 4.17 17.42 38.23
N LEU A 2 5.01 16.52 38.74
CA LEU A 2 5.38 15.33 37.96
C LEU A 2 4.20 14.38 37.89
N TYR A 3 4.35 13.33 37.08
CA TYR A 3 3.23 12.40 36.86
C TYR A 3 3.69 10.95 36.88
N GLU A 4 2.99 10.15 37.67
CA GLU A 4 3.28 8.70 37.72
C GLU A 4 2.01 8.03 37.23
N ASP A 5 2.15 7.43 36.06
CA ASP A 5 1.02 6.73 35.47
C ASP A 5 0.58 5.61 36.43
N PRO A 6 -0.71 5.51 36.85
CA PRO A 6 -1.15 4.41 37.68
C PRO A 6 -0.76 3.03 37.13
N PRO A 7 -0.66 2.01 38.00
CA PRO A 7 -0.24 0.70 37.55
C PRO A 7 -1.17 0.12 36.48
N ASP A 8 -0.66 -0.78 35.63
CA ASP A 8 -1.49 -1.29 34.51
C ASP A 8 -2.64 -2.13 35.02
N GLN A 9 -3.85 -1.82 34.60
CA GLN A 9 -5.05 -2.63 34.92
C GLN A 9 -5.26 -3.55 33.73
N LYS A 10 -4.70 -4.77 33.75
CA LYS A 10 -4.82 -5.72 32.62
C LYS A 10 -6.07 -6.57 32.86
N THR A 11 -7.17 -6.00 33.37
CA THR A 11 -8.46 -6.70 33.57
C THR A 11 -9.55 -5.64 33.34
N SER A 12 -10.70 -6.02 32.77
CA SER A 12 -11.80 -5.07 32.42
C SER A 12 -12.60 -4.75 33.69
N PRO A 13 -13.65 -3.90 33.68
CA PRO A 13 -14.46 -3.66 34.89
C PRO A 13 -15.23 -4.90 35.33
N SER A 14 -15.51 -5.85 34.42
CA SER A 14 -16.30 -7.08 34.70
C SER A 14 -15.34 -8.24 34.99
N GLY A 15 -14.07 -7.94 35.26
CA GLY A 15 -13.11 -9.00 35.61
C GLY A 15 -12.67 -9.84 34.43
N LYS A 16 -12.65 -9.27 33.23
CA LYS A 16 -12.29 -10.10 32.04
C LYS A 16 -10.86 -9.77 31.64
N PRO A 17 -10.04 -10.78 31.25
CA PRO A 17 -8.63 -10.51 30.98
C PRO A 17 -8.35 -9.81 29.65
N ALA A 18 -7.40 -8.90 29.67
CA ALA A 18 -6.99 -8.18 28.45
C ALA A 18 -6.48 -9.16 27.38
N THR A 19 -7.17 -9.24 26.26
CA THR A 19 -6.76 -10.12 25.14
C THR A 19 -6.00 -9.32 24.07
N LEU A 20 -6.03 -8.00 24.14
CA LEU A 20 -5.39 -7.16 23.11
C LEU A 20 -4.70 -5.94 23.72
N LYS A 21 -3.43 -5.71 23.42
CA LYS A 21 -2.69 -4.50 23.83
C LYS A 21 -2.32 -3.74 22.54
N ILE A 22 -2.65 -2.45 22.41
CA ILE A 22 -2.22 -1.61 21.26
C ILE A 22 -1.28 -0.49 21.77
N CYS A 23 -0.14 -0.30 21.12
CA CYS A 23 0.80 0.80 21.46
C CYS A 23 0.85 1.84 20.35
N SER A 24 0.60 3.11 20.67
CA SER A 24 0.76 4.21 19.68
C SER A 24 1.92 5.11 20.13
N TRP A 25 2.77 5.52 19.20
CA TRP A 25 3.95 6.33 19.52
C TRP A 25 4.34 7.27 18.37
N ASN A 26 4.34 8.57 18.63
CA ASN A 26 4.91 9.52 17.65
C ASN A 26 6.42 9.42 17.88
N VAL A 27 7.14 8.81 16.97
CA VAL A 27 8.60 8.54 17.12
C VAL A 27 9.47 9.73 16.72
N ASP A 28 8.87 10.78 16.15
CA ASP A 28 9.62 11.99 15.68
C ASP A 28 10.94 11.58 15.00
N GLY A 29 10.84 10.75 13.98
CA GLY A 29 12.04 10.30 13.28
C GLY A 29 12.38 8.85 13.59
N LEU A 30 11.72 7.90 12.92
CA LEU A 30 11.86 6.44 13.15
C LEU A 30 13.32 5.96 13.14
N ARG A 31 14.18 6.39 12.21
CA ARG A 31 15.61 6.00 12.17
C ARG A 31 16.32 6.56 13.40
N ALA A 32 16.03 7.79 13.78
CA ALA A 32 16.63 8.33 15.03
C ALA A 32 16.09 7.58 16.24
N TRP A 33 14.79 7.35 16.28
CA TRP A 33 14.13 6.66 17.41
C TRP A 33 14.74 5.28 17.64
N ILE A 34 15.18 4.61 16.57
CA ILE A 34 15.75 3.24 16.67
C ILE A 34 17.17 3.33 17.19
N LYS A 35 17.97 4.24 16.67
CA LYS A 35 19.34 4.45 17.20
C LYS A 35 19.25 4.84 18.69
N LYS A 36 18.14 5.46 19.11
CA LYS A 36 17.95 5.91 20.51
C LYS A 36 17.32 4.80 21.34
N LYS A 37 17.33 3.56 20.83
CA LYS A 37 16.83 2.37 21.54
C LYS A 37 15.33 2.39 21.79
N GLY A 38 14.54 2.64 20.75
CA GLY A 38 13.08 2.69 20.89
C GLY A 38 12.44 1.32 20.68
N LEU A 39 13.02 0.52 19.79
CA LEU A 39 12.50 -0.85 19.51
C LEU A 39 12.69 -1.73 20.74
N ASP A 40 13.72 -1.47 21.54
CA ASP A 40 13.93 -2.24 22.78
C ASP A 40 12.77 -2.03 23.75
N TRP A 41 12.32 -0.79 23.91
CA TRP A 41 11.14 -0.54 24.76
C TRP A 41 9.93 -1.28 24.19
N VAL A 42 9.75 -1.29 22.88
CA VAL A 42 8.62 -2.01 22.22
C VAL A 42 8.69 -3.50 22.57
N LYS A 43 9.87 -4.10 22.47
CA LYS A 43 10.06 -5.53 22.82
C LYS A 43 9.61 -5.78 24.26
N GLU A 44 10.08 -4.96 25.19
CA GLU A 44 9.66 -5.08 26.61
C GLU A 44 8.15 -4.90 26.72
N GLU A 45 7.58 -4.03 25.90
CA GLU A 45 6.13 -3.71 25.99
C GLU A 45 5.30 -4.80 25.31
N ALA A 46 5.89 -5.55 24.40
CA ALA A 46 5.20 -6.68 23.71
C ALA A 46 3.78 -6.32 23.28
N PRO A 47 3.56 -5.33 22.40
CA PRO A 47 2.22 -5.05 21.96
C PRO A 47 1.80 -5.99 20.84
N ASP A 48 0.50 -6.17 20.67
CA ASP A 48 -0.05 -6.99 19.57
C ASP A 48 -0.10 -6.11 18.33
N ILE A 49 -0.39 -4.83 18.53
CA ILE A 49 -0.41 -3.85 17.41
C ILE A 49 0.39 -2.63 17.84
N LEU A 50 1.32 -2.21 17.00
CA LEU A 50 2.13 -1.00 17.27
C LEU A 50 1.87 0.01 16.16
N CYS A 51 1.33 1.15 16.52
CA CYS A 51 1.06 2.25 15.57
C CYS A 51 2.10 3.35 15.80
N LEU A 52 2.75 3.79 14.74
CA LEU A 52 3.79 4.86 14.85
C LEU A 52 3.41 6.04 13.98
N GLN A 53 3.79 7.23 14.44
CA GLN A 53 3.49 8.47 13.68
C GLN A 53 4.78 9.26 13.48
N GLU A 54 4.79 10.20 12.53
CA GLU A 54 6.01 10.98 12.20
C GLU A 54 7.20 10.05 12.01
N THR A 55 7.05 9.10 11.09
CA THR A 55 8.17 8.19 10.83
C THR A 55 9.32 8.91 10.12
N LYS A 56 9.01 9.91 9.29
CA LYS A 56 10.01 10.62 8.50
C LYS A 56 10.94 9.66 7.75
N CYS A 57 10.35 8.63 7.14
CA CYS A 57 11.15 7.55 6.59
C CYS A 57 10.32 6.78 5.60
N SER A 58 10.76 6.77 4.35
CA SER A 58 10.16 5.97 3.31
C SER A 58 10.46 4.49 3.54
N GLU A 59 9.78 3.67 2.75
CA GLU A 59 9.77 2.23 2.99
C GLU A 59 11.12 1.60 2.67
N ASN A 60 11.72 1.96 1.53
CA ASN A 60 13.01 1.38 1.17
C ASN A 60 14.13 1.78 2.12
N LYS A 61 13.85 2.65 3.10
CA LYS A 61 14.91 3.17 3.98
C LYS A 61 14.66 2.71 5.41
N LEU A 62 13.65 1.88 5.65
CA LEU A 62 13.40 1.34 7.00
C LEU A 62 14.58 0.48 7.45
N PRO A 63 15.10 0.69 8.68
CA PRO A 63 16.18 -0.14 9.22
C PRO A 63 15.76 -1.61 9.26
N ALA A 64 16.71 -2.52 9.12
CA ALA A 64 16.43 -3.97 9.08
C ALA A 64 15.91 -4.53 10.41
N GLU A 65 16.21 -3.89 11.44
N GLU A 65 16.26 -3.90 11.52
CA GLU A 65 15.75 -4.36 12.77
CA GLU A 65 15.74 -4.35 12.83
C GLU A 65 14.22 -4.34 12.82
C GLU A 65 14.21 -4.34 12.83
N LEU A 66 13.61 -3.47 12.02
CA LEU A 66 12.13 -3.36 12.02
C LEU A 66 11.58 -4.65 11.40
N GLN A 67 12.27 -5.22 10.44
CA GLN A 67 11.85 -6.50 9.81
C GLN A 67 12.43 -7.71 10.58
N GLU A 68 12.65 -7.57 11.88
CA GLU A 68 13.19 -8.68 12.70
C GLU A 68 12.33 -8.87 13.95
N LEU A 69 11.32 -8.02 14.14
CA LEU A 69 10.35 -8.15 15.27
C LEU A 69 9.38 -9.28 14.96
N PRO A 70 9.50 -10.49 15.54
CA PRO A 70 8.63 -11.59 15.16
C PRO A 70 7.19 -11.49 15.66
N GLY A 71 6.95 -10.91 16.83
CA GLY A 71 5.58 -10.70 17.31
C GLY A 71 4.87 -9.54 16.61
N LEU A 72 5.53 -8.84 15.71
CA LEU A 72 4.94 -7.69 14.97
C LEU A 72 5.36 -7.83 13.50
N SER A 73 5.05 -8.97 12.88
CA SER A 73 5.57 -9.29 11.52
C SER A 73 4.75 -8.68 10.39
N HIS A 74 3.53 -8.28 10.67
CA HIS A 74 2.66 -7.70 9.63
C HIS A 74 2.83 -6.17 9.62
N GLN A 75 3.63 -5.65 8.70
CA GLN A 75 3.98 -4.22 8.73
C GLN A 75 3.42 -3.46 7.52
N TYR A 76 2.87 -2.28 7.77
CA TYR A 76 2.23 -1.47 6.72
C TYR A 76 2.70 -0.03 6.92
N TRP A 77 3.21 0.61 5.87
CA TRP A 77 3.81 1.95 6.01
C TRP A 77 3.22 2.93 5.00
N SER A 78 3.17 4.22 5.35
CA SER A 78 2.59 5.27 4.48
C SER A 78 3.42 6.53 4.63
N ALA A 79 3.81 7.13 3.52
CA ALA A 79 4.66 8.33 3.55
C ALA A 79 4.14 9.36 2.54
N PRO A 80 4.44 10.67 2.70
CA PRO A 80 4.06 11.65 1.69
C PRO A 80 4.63 11.30 0.31
N SER A 81 3.83 11.53 -0.74
CA SER A 81 4.26 11.26 -2.14
C SER A 81 5.32 12.28 -2.55
N ASP A 82 5.31 13.50 -2.00
CA ASP A 82 6.23 14.57 -2.47
C ASP A 82 7.25 14.95 -1.40
N LYS A 83 6.79 15.23 -0.17
CA LYS A 83 7.64 15.69 0.95
C LYS A 83 8.40 14.53 1.61
N GLU A 84 9.58 14.14 1.13
CA GLU A 84 10.40 13.11 1.82
C GLU A 84 11.03 13.73 3.08
N GLY A 85 11.06 12.99 4.18
CA GLY A 85 11.59 13.50 5.47
C GLY A 85 10.51 14.13 6.30
N TYR A 86 9.25 13.95 5.90
CA TYR A 86 8.11 14.61 6.56
C TYR A 86 7.02 13.59 6.86
N SER A 87 6.25 13.78 7.93
CA SER A 87 5.11 12.91 8.28
C SER A 87 5.47 11.43 8.25
N GLY A 88 4.56 10.61 7.77
CA GLY A 88 4.79 9.16 7.73
C GLY A 88 4.14 8.43 8.90
N VAL A 89 3.40 7.38 8.59
CA VAL A 89 2.73 6.57 9.64
C VAL A 89 3.09 5.10 9.44
N GLY A 90 2.88 4.28 10.47
CA GLY A 90 3.19 2.84 10.39
C GLY A 90 2.29 2.01 11.28
N LEU A 91 1.95 0.81 10.83
CA LEU A 91 1.15 -0.13 11.64
C LEU A 91 1.79 -1.51 11.60
N LEU A 92 2.29 -1.96 12.73
CA LEU A 92 2.93 -3.28 12.84
C LEU A 92 2.02 -4.17 13.69
N SER A 93 1.58 -5.32 13.15
CA SER A 93 0.62 -6.20 13.87
C SER A 93 1.10 -7.64 14.02
N ARG A 94 0.72 -8.30 15.11
CA ARG A 94 1.07 -9.71 15.36
C ARG A 94 0.30 -10.58 14.38
N GLN A 95 -0.97 -10.24 14.21
CA GLN A 95 -1.83 -10.98 13.29
C GLN A 95 -2.19 -10.10 12.10
N ALA A 96 -2.25 -10.71 10.92
CA ALA A 96 -2.59 -9.98 9.68
C ALA A 96 -4.00 -9.38 9.76
N PRO A 97 -4.19 -8.06 9.49
CA PRO A 97 -5.53 -7.51 9.39
C PRO A 97 -6.26 -8.18 8.21
N LEU A 98 -7.59 -8.17 8.21
CA LEU A 98 -8.38 -8.68 7.07
C LEU A 98 -8.24 -7.67 5.92
N LYS A 99 -8.21 -6.38 6.26
CA LYS A 99 -8.12 -5.29 5.25
C LYS A 99 -7.18 -4.18 5.71
N VAL A 100 -6.31 -3.69 4.82
CA VAL A 100 -5.46 -2.51 5.13
C VAL A 100 -5.67 -1.45 4.04
N SER A 101 -6.04 -0.23 4.42
CA SER A 101 -6.28 0.89 3.48
C SER A 101 -5.47 2.11 3.95
N TYR A 102 -5.32 3.11 3.08
CA TYR A 102 -4.55 4.33 3.41
C TYR A 102 -5.38 5.57 3.05
N GLY A 103 -5.26 6.60 3.86
CA GLY A 103 -5.98 7.84 3.56
C GLY A 103 -7.38 7.92 4.13
N ILE A 104 -7.95 9.13 4.05
CA ILE A 104 -9.34 9.37 4.51
C ILE A 104 -10.22 9.45 3.25
N GLY A 105 -9.73 8.89 2.15
CA GLY A 105 -10.52 8.83 0.91
C GLY A 105 -10.68 10.18 0.23
N ASP A 106 -9.82 11.13 0.57
CA ASP A 106 -9.98 12.50 0.03
C ASP A 106 -8.64 13.01 -0.50
N GLU A 107 -8.52 13.26 -1.81
CA GLU A 107 -7.24 13.68 -2.45
C GLU A 107 -6.59 14.85 -1.70
N GLU A 108 -7.29 15.88 -1.32
CA GLU A 108 -6.63 17.08 -0.70
C GLU A 108 -5.93 16.66 0.59
N HIS A 109 -6.43 15.62 1.24
CA HIS A 109 -5.88 15.25 2.57
C HIS A 109 -5.04 13.97 2.56
N ASP A 110 -5.08 13.16 1.49
CA ASP A 110 -4.37 11.85 1.49
C ASP A 110 -3.01 11.92 0.83
N GLN A 111 -2.35 13.06 0.86
CA GLN A 111 -1.05 13.19 0.15
C GLN A 111 0.13 13.16 1.11
N GLU A 112 -0.09 13.19 2.42
CA GLU A 112 1.02 13.33 3.37
C GLU A 112 1.21 12.09 4.26
N GLY A 113 0.73 10.92 3.87
CA GLY A 113 0.92 9.66 4.62
C GLY A 113 0.60 9.82 6.09
N ARG A 114 -0.66 10.07 6.41
CA ARG A 114 -1.02 10.39 7.81
C ARG A 114 -2.00 9.36 8.39
N VAL A 115 -2.65 8.57 7.54
CA VAL A 115 -3.72 7.67 8.04
C VAL A 115 -3.61 6.24 7.50
N ILE A 116 -3.53 5.26 8.41
CA ILE A 116 -3.60 3.83 7.99
C ILE A 116 -4.84 3.23 8.65
N VAL A 117 -5.71 2.59 7.87
CA VAL A 117 -6.93 1.91 8.39
C VAL A 117 -6.72 0.39 8.36
N ALA A 118 -6.93 -0.30 9.47
CA ALA A 118 -6.70 -1.75 9.57
C ALA A 118 -7.94 -2.43 10.15
N GLU A 119 -8.58 -3.27 9.34
CA GLU A 119 -9.79 -3.98 9.80
C GLU A 119 -9.42 -5.31 10.43
N PHE A 120 -9.84 -5.50 11.66
CA PHE A 120 -9.67 -6.79 12.34
C PHE A 120 -11.04 -7.44 12.46
N ASP A 121 -11.11 -8.65 12.98
CA ASP A 121 -12.38 -9.41 13.10
C ASP A 121 -13.43 -8.64 13.91
N SER A 122 -13.07 -8.21 15.10
CA SER A 122 -14.05 -7.58 16.01
C SER A 122 -14.02 -6.04 16.02
N PHE A 123 -13.08 -5.40 15.34
CA PHE A 123 -12.94 -3.93 15.42
C PHE A 123 -12.19 -3.34 14.21
N VAL A 124 -12.37 -2.04 14.00
CA VAL A 124 -11.64 -1.32 12.92
C VAL A 124 -10.65 -0.35 13.59
N LEU A 125 -9.38 -0.52 13.29
CA LEU A 125 -8.34 0.35 13.86
C LEU A 125 -7.91 1.43 12.85
N VAL A 126 -7.70 2.64 13.34
CA VAL A 126 -7.30 3.79 12.49
C VAL A 126 -6.20 4.55 13.22
N THR A 127 -4.98 4.52 12.70
CA THR A 127 -3.90 5.34 13.28
C THR A 127 -3.77 6.66 12.49
N ALA A 128 -3.51 7.76 13.19
CA ALA A 128 -3.51 9.08 12.52
C ALA A 128 -2.45 10.06 13.00
N TYR A 129 -1.75 10.71 12.08
CA TYR A 129 -0.87 11.85 12.44
C TYR A 129 -1.62 13.07 11.88
N VAL A 130 -2.49 13.66 12.69
CA VAL A 130 -3.36 14.78 12.25
C VAL A 130 -2.52 16.04 11.93
N PRO A 131 -2.80 16.71 10.80
CA PRO A 131 -2.10 17.93 10.44
C PRO A 131 -1.89 18.95 11.57
N ASP A 132 -0.67 19.45 11.71
CA ASP A 132 -0.40 20.52 12.71
C ASP A 132 -0.85 21.88 12.16
N ALA A 133 -1.35 22.76 13.03
CA ALA A 133 -1.81 24.11 12.62
C ALA A 133 -0.60 25.03 12.37
N GLY A 134 0.57 24.63 12.83
CA GLY A 134 1.79 25.38 12.49
C GLY A 134 2.13 26.58 13.34
N ARG A 135 3.39 26.97 13.31
CA ARG A 135 3.80 28.21 14.00
C ARG A 135 3.02 29.34 13.35
N GLY A 136 2.46 30.24 14.16
CA GLY A 136 1.73 31.40 13.63
C GLY A 136 0.34 31.05 13.15
N LEU A 137 -0.05 29.78 13.29
CA LEU A 137 -1.39 29.29 12.87
C LEU A 137 -1.53 29.28 11.33
N VAL A 138 -0.41 29.29 10.60
CA VAL A 138 -0.44 29.29 9.11
C VAL A 138 -1.29 28.13 8.55
N ARG A 139 -1.27 26.95 9.18
CA ARG A 139 -2.00 25.80 8.58
C ARG A 139 -3.31 25.52 9.32
N LEU A 140 -3.76 26.44 10.16
CA LEU A 140 -5.04 26.26 10.92
C LEU A 140 -6.22 26.01 10.00
N GLU A 141 -6.39 26.82 8.97
CA GLU A 141 -7.57 26.68 8.08
C GLU A 141 -7.52 25.30 7.42
N TYR A 142 -6.34 24.86 6.99
CA TYR A 142 -6.19 23.50 6.45
C TYR A 142 -6.62 22.48 7.51
N ARG A 143 -6.15 22.64 8.76
CA ARG A 143 -6.48 21.68 9.86
C ARG A 143 -7.99 21.59 10.01
N GLN A 144 -8.66 22.73 9.89
CA GLN A 144 -10.13 22.76 10.05
C GLN A 144 -10.81 21.93 8.97
N ARG A 145 -10.27 21.94 7.75
CA ARG A 145 -10.86 21.17 6.64
C ARG A 145 -10.52 19.69 6.82
N TRP A 146 -9.27 19.41 7.22
CA TRP A 146 -8.87 18.03 7.55
C TRP A 146 -9.87 17.49 8.58
N ASP A 147 -10.10 18.25 9.64
CA ASP A 147 -11.00 17.80 10.73
C ASP A 147 -12.34 17.41 10.15
N GLU A 148 -12.91 18.25 9.29
CA GLU A 148 -14.23 17.96 8.65
C GLU A 148 -14.18 16.66 7.85
N ALA A 149 -13.13 16.47 7.07
CA ALA A 149 -13.04 15.27 6.20
C ALA A 149 -12.78 14.03 7.04
N PHE A 150 -11.97 14.15 8.09
CA PHE A 150 -11.67 13.03 9.01
C PHE A 150 -12.95 12.61 9.73
N ARG A 151 -13.67 13.56 10.31
CA ARG A 151 -14.96 13.29 11.01
C ARG A 151 -15.85 12.49 10.09
N LYS A 152 -15.99 12.94 8.85
CA LYS A 152 -16.91 12.27 7.89
C LYS A 152 -16.39 10.88 7.54
N PHE A 153 -15.12 10.75 7.15
CA PHE A 153 -14.53 9.43 6.80
C PHE A 153 -14.77 8.45 7.93
N LEU A 154 -14.59 8.87 9.17
CA LEU A 154 -14.69 7.95 10.31
C LEU A 154 -16.14 7.55 10.59
N LYS A 155 -17.05 8.52 10.58
CA LYS A 155 -18.48 8.26 10.85
C LYS A 155 -18.97 7.17 9.89
N GLY A 156 -18.70 7.36 8.61
CA GLY A 156 -19.13 6.35 7.63
C GLY A 156 -18.01 5.42 7.24
N LEU A 157 -17.44 4.62 8.16
CA LEU A 157 -16.25 3.81 7.81
C LEU A 157 -16.69 2.52 7.09
N ALA A 158 -17.68 2.55 6.16
CA ALA A 158 -18.18 1.38 5.39
C ALA A 158 -19.01 0.39 6.21
N SER A 159 -18.37 -0.34 7.13
CA SER A 159 -19.11 -1.39 7.86
C SER A 159 -19.43 -0.98 9.31
N ARG A 160 -20.07 -1.87 10.07
CA ARG A 160 -20.53 -1.55 11.43
C ARG A 160 -19.78 -2.36 12.47
N LYS A 161 -18.48 -2.20 12.54
CA LYS A 161 -17.77 -2.83 13.66
C LYS A 161 -17.21 -1.66 14.46
N PRO A 162 -16.98 -1.80 15.78
CA PRO A 162 -16.51 -0.68 16.56
C PRO A 162 -15.20 -0.07 16.07
N LEU A 163 -14.95 1.19 16.45
CA LEU A 163 -13.75 1.90 15.93
C LEU A 163 -12.75 2.17 17.05
N VAL A 164 -11.49 1.96 16.76
CA VAL A 164 -10.44 2.37 17.72
C VAL A 164 -9.61 3.38 16.94
N LEU A 165 -9.78 4.66 17.25
CA LEU A 165 -8.93 5.70 16.64
C LEU A 165 -7.72 5.91 17.56
N CYS A 166 -6.54 5.78 17.00
CA CYS A 166 -5.32 5.97 17.79
C CYS A 166 -4.35 6.84 17.02
N GLY A 167 -3.51 7.56 17.74
CA GLY A 167 -2.49 8.39 17.08
C GLY A 167 -2.35 9.78 17.63
N ASP A 168 -1.62 10.61 16.89
CA ASP A 168 -1.35 12.00 17.30
C ASP A 168 -2.45 12.87 16.67
N LEU A 169 -3.43 13.23 17.48
CA LEU A 169 -4.56 14.05 17.01
C LEU A 169 -4.22 15.54 17.07
N ASN A 170 -3.01 15.87 17.56
CA ASN A 170 -2.39 17.22 17.51
C ASN A 170 -3.24 18.32 18.17
N VAL A 171 -4.08 18.00 19.15
CA VAL A 171 -4.86 19.01 19.93
C VAL A 171 -4.83 18.56 21.38
N ALA A 172 -4.99 19.47 22.35
CA ALA A 172 -5.14 19.14 23.80
C ALA A 172 -6.61 19.46 24.05
N HIS A 173 -7.53 18.49 24.00
CA HIS A 173 -8.98 18.76 24.07
C HIS A 173 -9.30 19.87 25.07
N GLU A 174 -9.03 19.62 26.35
CA GLU A 174 -9.40 20.57 27.42
C GLU A 174 -8.18 21.14 28.15
N GLU A 175 -8.42 22.01 29.12
CA GLU A 175 -7.32 22.70 29.85
C GLU A 175 -6.53 21.69 30.69
N ILE A 176 -7.20 20.69 31.25
CA ILE A 176 -6.51 19.59 31.99
C ILE A 176 -5.50 18.86 31.10
N ASP A 177 -5.55 19.04 29.77
CA ASP A 177 -4.69 18.25 28.85
C ASP A 177 -3.39 18.98 28.51
N LEU A 178 -3.12 20.10 29.16
CA LEU A 178 -1.83 20.79 28.95
C LEU A 178 -1.44 21.59 30.20
N ARG A 179 -0.13 21.77 30.39
CA ARG A 179 0.39 22.49 31.56
C ARG A 179 -0.05 23.96 31.53
N ASN A 180 0.22 24.68 30.44
CA ASN A 180 -0.13 26.11 30.33
C ASN A 180 -1.26 26.34 29.33
N PRO A 181 -2.54 26.05 29.63
CA PRO A 181 -3.59 26.38 28.69
C PRO A 181 -3.76 27.89 28.44
N LYS A 182 -3.52 28.72 29.45
CA LYS A 182 -3.73 30.18 29.34
C LYS A 182 -2.79 30.81 28.29
N GLY A 183 -1.50 30.51 28.34
CA GLY A 183 -0.55 31.02 27.34
C GLY A 183 -0.50 30.25 26.02
N ASN A 184 -1.45 29.36 25.76
CA ASN A 184 -1.38 28.50 24.55
C ASN A 184 -2.70 28.49 23.80
N LYS A 185 -3.64 29.35 24.21
CA LYS A 185 -4.97 29.37 23.56
C LYS A 185 -4.83 29.94 22.13
N LYS A 186 -3.68 30.52 21.79
CA LYS A 186 -3.40 31.05 20.43
C LYS A 186 -2.20 30.29 19.86
N ASN A 187 -1.85 29.14 20.44
CA ASN A 187 -0.70 28.32 19.96
C ASN A 187 -1.33 27.06 19.40
N ALA A 188 -0.78 26.48 18.33
CA ALA A 188 -1.28 25.24 17.68
C ALA A 188 -1.59 24.14 18.73
N GLY A 189 -2.70 23.43 18.54
CA GLY A 189 -3.06 22.35 19.47
C GLY A 189 -3.90 22.83 20.63
N PHE A 190 -4.11 24.15 20.76
CA PHE A 190 -5.03 24.64 21.80
C PHE A 190 -5.90 25.77 21.25
N THR A 191 -5.97 25.89 19.93
CA THR A 191 -6.88 26.89 19.36
C THR A 191 -8.29 26.42 19.66
N PRO A 192 -9.26 27.33 19.88
CA PRO A 192 -10.62 26.91 20.09
C PRO A 192 -11.14 26.18 18.86
N GLN A 193 -10.66 26.55 17.67
CA GLN A 193 -11.07 25.89 16.41
C GLN A 193 -10.75 24.40 16.51
N GLU A 194 -9.50 24.08 16.87
CA GLU A 194 -9.09 22.65 16.97
C GLU A 194 -9.87 21.94 18.09
N ARG A 195 -9.86 22.50 19.29
CA ARG A 195 -10.57 21.91 20.45
C ARG A 195 -12.03 21.58 20.11
N GLN A 196 -12.74 22.47 19.43
CA GLN A 196 -14.15 22.22 18.98
C GLN A 196 -14.22 21.06 17.98
N GLY A 197 -13.24 20.98 17.07
CA GLY A 197 -13.17 19.86 16.14
C GLY A 197 -13.03 18.52 16.84
N PHE A 198 -12.18 18.44 17.86
CA PHE A 198 -12.09 17.20 18.67
C PHE A 198 -13.46 16.91 19.28
N GLY A 199 -14.10 17.94 19.84
CA GLY A 199 -15.40 17.76 20.46
C GLY A 199 -16.39 17.18 19.48
N GLU A 200 -16.35 17.67 18.25
CA GLU A 200 -17.29 17.21 17.22
C GLU A 200 -16.93 15.79 16.81
N LEU A 201 -15.65 15.46 16.70
CA LEU A 201 -15.24 14.06 16.42
C LEU A 201 -15.93 13.15 17.44
N LEU A 202 -15.82 13.49 18.72
CA LEU A 202 -16.43 12.69 19.81
C LEU A 202 -17.95 12.56 19.64
N GLN A 203 -18.64 13.64 19.28
CA GLN A 203 -20.13 13.59 19.27
C GLN A 203 -20.64 12.99 17.97
N ALA A 204 -19.92 13.24 16.88
CA ALA A 204 -20.41 12.81 15.57
C ALA A 204 -20.10 11.35 15.26
N VAL A 205 -18.85 10.93 15.33
CA VAL A 205 -18.50 9.54 14.91
C VAL A 205 -19.51 8.47 15.37
N PRO A 206 -19.84 8.27 16.67
CA PRO A 206 -19.18 8.90 17.82
C PRO A 206 -18.00 8.17 18.46
N LEU A 207 -17.28 8.84 19.36
CA LEU A 207 -16.10 8.25 20.04
C LEU A 207 -16.01 8.69 21.51
N ALA A 208 -15.15 8.04 22.29
CA ALA A 208 -14.89 8.38 23.70
C ALA A 208 -13.38 8.36 23.94
N ASP A 209 -12.92 9.15 24.89
CA ASP A 209 -11.47 9.25 25.18
C ASP A 209 -11.17 8.19 26.25
N SER A 210 -10.57 7.07 25.84
CA SER A 210 -10.23 5.96 26.76
C SER A 210 -9.61 6.50 28.06
N PHE A 211 -8.54 7.27 27.96
CA PHE A 211 -7.85 7.79 29.17
C PHE A 211 -8.77 8.67 30.03
N ARG A 212 -9.55 9.54 29.41
CA ARG A 212 -10.38 10.50 30.16
C ARG A 212 -11.62 9.81 30.73
N HIS A 213 -12.13 8.78 30.06
CA HIS A 213 -13.26 7.99 30.63
C HIS A 213 -12.77 7.33 31.92
N LEU A 214 -11.53 6.87 31.94
CA LEU A 214 -10.98 6.17 33.12
C LEU A 214 -10.50 7.19 34.15
N TYR A 215 -9.90 8.29 33.71
CA TYR A 215 -9.22 9.24 34.61
C TYR A 215 -9.79 10.64 34.39
N PRO A 216 -11.11 10.90 34.53
CA PRO A 216 -11.72 12.20 34.18
C PRO A 216 -11.09 13.46 34.79
N ASN A 217 -10.48 13.34 35.98
CA ASN A 217 -9.89 14.49 36.73
C ASN A 217 -8.42 14.25 37.03
N THR A 218 -7.68 13.42 36.25
CA THR A 218 -6.23 13.14 36.49
C THR A 218 -5.38 14.20 35.78
N PRO A 219 -4.76 15.17 36.48
CA PRO A 219 -4.01 16.22 35.83
C PRO A 219 -2.56 15.82 35.59
N TYR A 220 -1.80 16.64 34.88
CA TYR A 220 -0.36 16.40 34.57
C TYR A 220 -0.17 15.13 33.72
N ALA A 221 -1.21 14.58 33.09
CA ALA A 221 -1.13 13.36 32.25
C ALA A 221 -0.84 13.82 30.83
N TYR A 222 0.44 14.00 30.42
CA TYR A 222 0.78 14.50 29.07
C TYR A 222 1.52 13.45 28.24
N THR A 223 1.58 13.67 26.94
CA THR A 223 2.20 12.70 26.00
C THR A 223 3.26 13.40 25.15
N PHE A 224 3.16 14.72 25.02
CA PHE A 224 4.17 15.50 24.27
C PHE A 224 4.82 16.54 25.18
N TRP A 225 6.12 16.75 25.00
CA TRP A 225 6.85 17.80 25.72
C TRP A 225 7.86 18.40 24.74
N THR A 226 7.88 19.72 24.62
CA THR A 226 8.89 20.39 23.75
C THR A 226 10.31 20.03 24.20
N TYR A 227 11.19 19.84 23.24
CA TYR A 227 12.61 19.55 23.54
C TYR A 227 13.24 20.82 24.08
N MET A 228 12.56 21.95 23.86
CA MET A 228 13.09 23.26 24.25
C MET A 228 12.99 23.47 25.75
N MET A 229 13.99 24.13 26.34
CA MET A 229 14.00 24.45 27.79
C MET A 229 13.68 23.15 28.55
N ASN A 230 14.09 21.99 28.06
CA ASN A 230 13.93 20.70 28.77
C ASN A 230 12.57 20.62 29.45
N ALA A 231 11.51 20.86 28.71
CA ALA A 231 10.14 20.86 29.25
C ALA A 231 9.77 19.51 29.89
N ARG A 232 10.45 18.43 29.48
CA ARG A 232 10.12 17.07 29.99
C ARG A 232 10.55 16.96 31.45
N SER A 233 11.69 17.56 31.80
CA SER A 233 12.21 17.51 33.19
C SER A 233 11.24 18.16 34.19
N LYS A 234 10.41 19.09 33.72
CA LYS A 234 9.44 19.79 34.59
C LYS A 234 8.01 19.37 34.21
N ASN A 235 7.87 18.34 33.38
CA ASN A 235 6.53 17.86 32.95
C ASN A 235 5.67 19.04 32.47
N VAL A 236 6.24 19.97 31.71
CA VAL A 236 5.38 21.01 31.09
C VAL A 236 5.03 20.40 29.74
N GLY A 237 3.80 19.95 29.61
CA GLY A 237 3.48 19.20 28.39
C GLY A 237 2.05 19.22 27.95
N TRP A 238 1.74 18.42 26.94
CA TRP A 238 0.39 18.40 26.34
C TRP A 238 0.00 16.95 26.07
N ARG A 239 -1.27 16.62 26.15
CA ARG A 239 -1.75 15.29 25.74
C ARG A 239 -2.23 15.43 24.31
N LEU A 240 -1.42 14.97 23.37
CA LEU A 240 -1.76 15.07 21.93
C LEU A 240 -2.01 13.67 21.41
N ASP A 241 -1.70 12.68 22.24
CA ASP A 241 -1.83 11.28 21.78
C ASP A 241 -2.99 10.60 22.51
N TYR A 242 -3.83 9.91 21.74
CA TYR A 242 -5.04 9.38 22.38
C TYR A 242 -5.49 8.05 21.78
N PHE A 243 -6.33 7.34 22.52
CA PHE A 243 -7.02 6.16 21.98
C PHE A 243 -8.47 6.56 22.12
N LEU A 244 -9.14 6.81 21.02
CA LEU A 244 -10.57 7.13 21.06
C LEU A 244 -11.30 5.87 20.61
N LEU A 245 -12.39 5.49 21.30
CA LEU A 245 -13.09 4.22 21.04
C LEU A 245 -14.60 4.38 20.92
N SER A 246 -15.23 3.57 20.12
CA SER A 246 -16.71 3.52 20.11
C SER A 246 -17.19 3.18 21.54
N HIS A 247 -18.39 3.58 21.90
CA HIS A 247 -18.95 3.36 23.26
C HIS A 247 -19.22 1.88 23.45
N SER A 248 -19.36 1.15 22.36
CA SER A 248 -19.54 -0.32 22.39
C SER A 248 -18.28 -0.96 22.98
N LEU A 249 -17.16 -0.27 22.93
CA LEU A 249 -15.89 -0.89 23.40
C LEU A 249 -15.60 -0.56 24.86
N LEU A 250 -16.27 0.44 25.43
CA LEU A 250 -16.04 0.80 26.85
C LEU A 250 -16.20 -0.40 27.79
N PRO A 251 -17.19 -1.31 27.63
CA PRO A 251 -17.24 -2.52 28.44
C PRO A 251 -15.97 -3.39 28.31
N ALA A 252 -15.21 -3.22 27.23
CA ALA A 252 -13.98 -4.02 26.97
C ALA A 252 -12.74 -3.25 27.38
N LEU A 253 -12.91 -2.03 27.90
CA LEU A 253 -11.73 -1.19 28.18
C LEU A 253 -11.15 -1.56 29.54
N CYS A 254 -10.01 -2.23 29.51
CA CYS A 254 -9.29 -2.58 30.76
C CYS A 254 -8.52 -1.33 31.20
N ASP A 255 -7.68 -0.76 30.33
CA ASP A 255 -6.92 0.46 30.68
C ASP A 255 -6.38 1.24 29.46
N SER A 256 -5.91 2.48 29.69
CA SER A 256 -5.28 3.36 28.68
C SER A 256 -4.12 4.01 29.42
N LYS A 257 -2.90 3.77 28.96
CA LYS A 257 -1.69 4.14 29.71
C LYS A 257 -0.97 5.29 29.04
N ILE A 258 -0.07 5.94 29.78
CA ILE A 258 0.83 6.99 29.26
C ILE A 258 2.22 6.59 29.76
N ARG A 259 3.08 6.12 28.85
CA ARG A 259 4.41 5.60 29.22
C ARG A 259 5.41 6.76 29.34
N SER A 260 5.25 7.60 30.37
CA SER A 260 6.06 8.82 30.58
C SER A 260 7.58 8.55 30.75
N LYS A 261 8.03 7.31 30.97
CA LYS A 261 9.48 7.03 31.10
C LYS A 261 10.18 6.63 29.78
N ALA A 262 9.46 6.12 28.80
CA ALA A 262 10.05 5.69 27.52
C ALA A 262 10.58 6.88 26.71
N LEU A 263 11.85 6.81 26.34
CA LEU A 263 12.50 7.93 25.63
C LEU A 263 12.69 7.58 24.15
N GLY A 264 13.17 8.54 23.35
CA GLY A 264 13.31 8.33 21.89
C GLY A 264 12.67 9.42 21.06
N SER A 265 11.73 10.15 21.64
CA SER A 265 10.97 11.18 20.89
C SER A 265 10.50 12.29 21.85
N ASP A 266 10.02 13.39 21.31
CA ASP A 266 9.42 14.47 22.15
C ASP A 266 8.03 13.97 22.58
N HIS A 267 7.63 12.80 22.08
CA HIS A 267 6.36 12.19 22.54
C HIS A 267 6.67 10.94 23.34
N CYS A 268 5.75 10.53 24.21
CA CYS A 268 5.89 9.28 24.98
C CYS A 268 4.92 8.29 24.34
N PRO A 269 5.17 6.98 24.51
CA PRO A 269 4.26 5.99 24.01
C PRO A 269 2.96 6.00 24.81
N ILE A 270 1.84 5.62 24.20
CA ILE A 270 0.54 5.47 24.92
C ILE A 270 0.23 3.98 24.74
N THR A 271 -0.59 3.37 25.59
CA THR A 271 -0.95 1.94 25.45
C THR A 271 -2.39 1.67 25.88
N LEU A 272 -3.15 0.92 25.08
CA LEU A 272 -4.54 0.54 25.38
C LEU A 272 -4.63 -0.97 25.64
N TYR A 273 -5.34 -1.36 26.69
CA TYR A 273 -5.59 -2.79 26.96
C TYR A 273 -7.08 -3.04 26.72
N LEU A 274 -7.42 -4.05 25.93
CA LEU A 274 -8.83 -4.36 25.61
C LEU A 274 -9.13 -5.86 25.77
N ALA A 275 -10.30 -6.21 26.35
CA ALA A 275 -10.76 -7.60 26.49
C ALA A 275 -11.79 -7.91 25.43
N LEU A 276 -11.33 -8.54 24.37
CA LEU A 276 -12.22 -8.90 23.26
C LEU A 276 -12.41 -10.41 23.29
N ALA B 1 0.83 -30.50 -28.11
CA ALA B 1 -0.02 -29.29 -28.15
C ALA B 1 -0.18 -28.74 -26.74
N LEU B 2 -0.72 -29.55 -25.82
CA LEU B 2 -0.97 -29.10 -24.42
C LEU B 2 0.39 -28.79 -23.79
N TYR B 3 0.49 -27.79 -22.91
CA TYR B 3 1.78 -27.28 -22.38
C TYR B 3 1.86 -27.37 -20.87
N GLU B 4 3.03 -27.71 -20.36
CA GLU B 4 3.26 -27.81 -18.90
C GLU B 4 4.41 -26.89 -18.54
N ASP B 5 4.14 -25.84 -17.78
CA ASP B 5 5.18 -24.88 -17.36
C ASP B 5 6.25 -25.63 -16.57
N PRO B 6 7.57 -25.50 -16.87
CA PRO B 6 8.60 -26.07 -16.02
C PRO B 6 8.51 -25.55 -14.57
N PRO B 7 9.17 -26.23 -13.62
CA PRO B 7 9.19 -25.79 -12.23
C PRO B 7 9.81 -24.39 -12.03
N ASP B 8 9.45 -23.75 -10.92
CA ASP B 8 9.93 -22.36 -10.68
C ASP B 8 11.43 -22.35 -10.35
N GLN B 9 12.22 -21.63 -11.13
CA GLN B 9 13.67 -21.47 -10.82
C GLN B 9 13.82 -20.21 -9.96
N LYS B 10 14.10 -20.36 -8.67
CA LYS B 10 14.16 -19.22 -7.72
C LYS B 10 15.63 -18.94 -7.37
N THR B 11 16.58 -19.20 -8.27
CA THR B 11 18.01 -18.88 -8.06
C THR B 11 18.50 -18.27 -9.36
N SER B 12 19.23 -17.15 -9.33
CA SER B 12 19.65 -16.47 -10.58
C SER B 12 20.74 -17.31 -11.26
N PRO B 13 21.24 -16.98 -12.48
CA PRO B 13 22.36 -17.70 -13.08
C PRO B 13 23.60 -17.47 -12.22
N SER B 14 23.68 -16.34 -11.52
CA SER B 14 24.81 -15.97 -10.64
C SER B 14 24.76 -16.75 -9.32
N GLY B 15 23.60 -17.35 -8.95
CA GLY B 15 23.43 -18.14 -7.72
C GLY B 15 22.61 -17.38 -6.68
N LYS B 16 22.39 -16.06 -6.86
CA LYS B 16 21.71 -15.19 -5.87
C LYS B 16 20.19 -15.44 -5.84
N PRO B 17 19.54 -15.85 -4.72
CA PRO B 17 18.11 -16.17 -4.74
C PRO B 17 17.12 -15.04 -5.06
N ALA B 18 15.90 -15.40 -5.38
CA ALA B 18 14.87 -14.39 -5.73
C ALA B 18 14.46 -13.61 -4.50
N THR B 19 14.17 -12.34 -4.67
CA THR B 19 13.83 -11.44 -3.55
C THR B 19 12.64 -10.61 -4.02
N LEU B 20 12.25 -10.77 -5.28
CA LEU B 20 11.12 -10.01 -5.84
C LEU B 20 10.29 -10.93 -6.74
N LYS B 21 8.97 -10.86 -6.60
CA LYS B 21 8.07 -11.69 -7.41
C LYS B 21 6.98 -10.79 -7.96
N ILE B 22 6.89 -10.68 -9.28
CA ILE B 22 5.86 -9.83 -9.95
C ILE B 22 4.91 -10.75 -10.70
N CYS B 23 3.60 -10.48 -10.66
CA CYS B 23 2.62 -11.26 -11.44
C CYS B 23 1.76 -10.32 -12.29
N SER B 24 1.74 -10.53 -13.59
CA SER B 24 0.87 -9.75 -14.48
C SER B 24 -0.29 -10.64 -14.93
N TRP B 25 -1.50 -10.07 -15.01
CA TRP B 25 -2.72 -10.84 -15.38
C TRP B 25 -3.73 -9.96 -16.10
N ASN B 26 -4.02 -10.26 -17.36
CA ASN B 26 -5.12 -9.58 -18.08
C ASN B 26 -6.38 -10.26 -17.54
N VAL B 27 -7.20 -9.55 -16.78
CA VAL B 27 -8.36 -10.17 -16.08
C VAL B 27 -9.63 -10.14 -16.93
N ASP B 28 -9.63 -9.42 -18.04
CA ASP B 28 -10.83 -9.25 -18.90
C ASP B 28 -12.08 -9.10 -18.03
N GLY B 29 -12.14 -8.04 -17.24
CA GLY B 29 -13.27 -7.78 -16.33
C GLY B 29 -12.93 -8.10 -14.90
N LEU B 30 -12.48 -7.12 -14.14
CA LEU B 30 -12.08 -7.34 -12.73
C LEU B 30 -13.24 -7.95 -11.93
N ARG B 31 -14.45 -7.40 -12.08
CA ARG B 31 -15.62 -7.91 -11.32
C ARG B 31 -15.79 -9.41 -11.56
N ALA B 32 -15.87 -9.83 -12.81
CA ALA B 32 -16.01 -11.26 -13.20
C ALA B 32 -14.83 -12.08 -12.67
N TRP B 33 -13.61 -11.62 -12.91
CA TRP B 33 -12.40 -12.35 -12.48
C TRP B 33 -12.44 -12.62 -10.98
N ILE B 34 -12.94 -11.66 -10.19
CA ILE B 34 -12.99 -11.81 -8.72
C ILE B 34 -14.08 -12.83 -8.36
N LYS B 35 -15.22 -12.79 -9.07
CA LYS B 35 -16.30 -13.77 -8.82
C LYS B 35 -15.84 -15.14 -9.31
N LYS B 36 -14.84 -15.20 -10.19
CA LYS B 36 -14.32 -16.48 -10.73
C LYS B 36 -13.16 -16.92 -9.85
N LYS B 37 -13.04 -16.32 -8.67
CA LYS B 37 -12.07 -16.77 -7.63
C LYS B 37 -10.64 -16.34 -7.90
N GLY B 38 -10.43 -15.26 -8.65
CA GLY B 38 -9.07 -14.86 -9.05
C GLY B 38 -8.23 -14.35 -7.90
N LEU B 39 -8.83 -13.67 -6.93
CA LEU B 39 -8.04 -13.06 -5.83
C LEU B 39 -7.51 -14.15 -4.89
N ASP B 40 -8.19 -15.27 -4.81
CA ASP B 40 -7.71 -16.39 -3.96
C ASP B 40 -6.44 -16.94 -4.61
N TRP B 41 -6.43 -17.02 -5.94
CA TRP B 41 -5.21 -17.48 -6.65
C TRP B 41 -4.05 -16.53 -6.36
N VAL B 42 -4.29 -15.22 -6.49
CA VAL B 42 -3.25 -14.20 -6.24
C VAL B 42 -2.67 -14.42 -4.84
N LYS B 43 -3.54 -14.58 -3.85
CA LYS B 43 -3.09 -14.83 -2.46
C LYS B 43 -2.16 -16.06 -2.38
N GLU B 44 -2.46 -17.12 -3.12
CA GLU B 44 -1.59 -18.34 -3.16
C GLU B 44 -0.24 -18.00 -3.81
N GLU B 45 -0.24 -17.38 -4.98
CA GLU B 45 1.00 -16.91 -5.65
C GLU B 45 1.74 -15.95 -4.74
N ALA B 46 1.01 -15.23 -3.92
CA ALA B 46 1.61 -14.23 -3.00
C ALA B 46 2.66 -13.39 -3.75
N PRO B 47 2.28 -12.59 -4.75
CA PRO B 47 3.23 -11.72 -5.41
C PRO B 47 3.56 -10.45 -4.62
N ASP B 48 4.83 -10.03 -4.66
CA ASP B 48 5.25 -8.75 -4.03
C ASP B 48 4.65 -7.60 -4.84
N ILE B 49 4.37 -7.79 -6.13
CA ILE B 49 3.68 -6.79 -7.00
C ILE B 49 2.74 -7.54 -7.94
N LEU B 50 1.54 -7.00 -8.16
CA LEU B 50 0.57 -7.61 -9.09
C LEU B 50 0.07 -6.54 -10.05
N CYS B 51 0.18 -6.78 -11.35
CA CYS B 51 -0.33 -5.85 -12.39
C CYS B 51 -1.52 -6.51 -13.07
N LEU B 52 -2.55 -5.73 -13.33
CA LEU B 52 -3.79 -6.29 -13.91
C LEU B 52 -4.18 -5.47 -15.14
N GLN B 53 -4.68 -6.13 -16.18
CA GLN B 53 -5.08 -5.42 -17.43
C GLN B 53 -6.51 -5.76 -17.85
N GLU B 54 -7.17 -4.88 -18.60
CA GLU B 54 -8.59 -5.06 -19.05
C GLU B 54 -9.47 -5.20 -17.82
N THR B 55 -9.26 -4.30 -16.86
CA THR B 55 -10.05 -4.34 -15.60
C THR B 55 -11.51 -4.03 -15.93
N LYS B 56 -11.76 -3.22 -16.94
CA LYS B 56 -13.14 -2.91 -17.41
C LYS B 56 -14.01 -2.52 -16.23
N CYS B 57 -13.57 -1.53 -15.46
CA CYS B 57 -14.29 -1.12 -14.23
C CYS B 57 -13.87 0.29 -13.80
N SER B 58 -14.82 1.21 -13.61
CA SER B 58 -14.49 2.57 -13.13
C SER B 58 -13.99 2.42 -11.69
N GLU B 59 -13.17 3.35 -11.20
CA GLU B 59 -12.63 3.31 -9.81
C GLU B 59 -13.75 3.22 -8.77
N ASN B 60 -14.94 3.72 -9.08
CA ASN B 60 -16.04 3.76 -8.10
C ASN B 60 -16.56 2.35 -7.91
N LYS B 61 -16.69 1.59 -8.99
CA LYS B 61 -17.26 0.23 -8.95
C LYS B 61 -16.20 -0.82 -8.57
N LEU B 62 -15.03 -0.42 -8.07
CA LEU B 62 -13.94 -1.37 -7.75
C LEU B 62 -14.40 -2.30 -6.63
N PRO B 63 -14.52 -3.62 -6.88
CA PRO B 63 -15.07 -4.54 -5.90
C PRO B 63 -14.23 -4.44 -4.62
N ALA B 64 -14.87 -4.38 -3.45
CA ALA B 64 -14.08 -4.14 -2.23
C ALA B 64 -13.47 -5.41 -1.65
N GLU B 65 -13.43 -6.49 -2.43
CA GLU B 65 -12.70 -7.70 -1.98
C GLU B 65 -11.22 -7.42 -2.28
N LEU B 66 -10.92 -6.35 -3.02
CA LEU B 66 -9.52 -5.93 -3.30
C LEU B 66 -8.98 -5.29 -2.02
N GLN B 67 -9.89 -4.76 -1.21
CA GLN B 67 -9.49 -4.21 0.10
C GLN B 67 -9.10 -5.38 1.02
N GLU B 68 -9.44 -6.64 0.67
CA GLU B 68 -9.11 -7.83 1.48
C GLU B 68 -7.75 -8.40 1.06
N LEU B 69 -6.92 -7.61 0.33
CA LEU B 69 -5.53 -7.98 -0.05
C LEU B 69 -4.59 -7.12 0.79
N PRO B 70 -4.28 -7.47 2.07
CA PRO B 70 -3.30 -6.70 2.84
C PRO B 70 -1.88 -6.78 2.27
N GLY B 71 -1.51 -7.89 1.64
CA GLY B 71 -0.15 -8.06 1.06
C GLY B 71 0.11 -7.20 -0.16
N LEU B 72 -0.91 -6.69 -0.80
CA LEU B 72 -0.73 -5.74 -1.93
C LEU B 72 -1.59 -4.54 -1.57
N SER B 73 -1.32 -3.96 -0.40
CA SER B 73 -2.10 -2.83 0.17
C SER B 73 -2.03 -1.59 -0.74
N HIS B 74 -0.88 -1.35 -1.41
CA HIS B 74 -0.62 -0.12 -2.22
C HIS B 74 -1.21 -0.24 -3.64
N GLN B 75 -2.49 0.14 -3.86
CA GLN B 75 -3.21 -0.08 -5.13
C GLN B 75 -3.34 1.20 -5.95
N TYR B 76 -3.03 1.11 -7.23
CA TYR B 76 -3.08 2.26 -8.16
C TYR B 76 -3.87 1.79 -9.38
N TRP B 77 -4.90 2.53 -9.73
CA TRP B 77 -5.82 2.11 -10.82
C TRP B 77 -5.91 3.23 -11.84
N SER B 78 -6.06 2.88 -13.11
CA SER B 78 -6.22 3.90 -14.18
C SER B 78 -7.37 3.47 -15.09
N ALA B 79 -8.32 4.36 -15.30
CA ALA B 79 -9.52 3.98 -16.05
C ALA B 79 -9.71 4.86 -17.28
N PRO B 80 -10.29 4.32 -18.36
CA PRO B 80 -10.53 5.10 -19.55
C PRO B 80 -11.48 6.29 -19.32
N SER B 81 -11.14 7.44 -19.89
CA SER B 81 -12.04 8.61 -19.81
C SER B 81 -13.18 8.44 -20.84
N SER B 87 -11.28 -0.96 -21.32
CA SER B 87 -9.83 -1.02 -21.05
C SER B 87 -9.62 -1.12 -19.55
N GLY B 88 -8.68 -0.35 -19.02
CA GLY B 88 -8.45 -0.35 -17.58
C GLY B 88 -7.20 -1.12 -17.21
N VAL B 89 -6.39 -0.54 -16.35
CA VAL B 89 -5.17 -1.20 -15.85
C VAL B 89 -5.07 -0.94 -14.36
N GLY B 90 -4.30 -1.75 -13.66
CA GLY B 90 -4.15 -1.64 -12.21
C GLY B 90 -2.79 -2.16 -11.77
N LEU B 91 -2.21 -1.52 -10.76
CA LEU B 91 -0.92 -1.99 -10.17
C LEU B 91 -1.08 -2.08 -8.66
N LEU B 92 -0.91 -3.27 -8.10
CA LEU B 92 -1.12 -3.54 -6.66
C LEU B 92 0.26 -3.89 -6.11
N SER B 93 0.65 -3.31 -4.99
CA SER B 93 2.03 -3.50 -4.49
C SER B 93 2.11 -3.57 -2.97
N ARG B 94 3.00 -4.42 -2.49
CA ARG B 94 3.21 -4.54 -1.03
C ARG B 94 3.87 -3.27 -0.53
N GLN B 95 5.02 -2.93 -1.11
CA GLN B 95 5.74 -1.71 -0.74
C GLN B 95 5.19 -0.57 -1.59
N ALA B 96 5.22 0.64 -1.07
CA ALA B 96 4.80 1.80 -1.85
C ALA B 96 5.84 2.17 -2.90
N PRO B 97 5.43 2.31 -4.16
CA PRO B 97 6.34 2.83 -5.17
C PRO B 97 6.82 4.24 -4.82
N LEU B 98 8.07 4.55 -5.14
CA LEU B 98 8.63 5.90 -4.93
C LEU B 98 7.77 6.91 -5.69
N LYS B 99 7.39 6.58 -6.92
CA LYS B 99 6.57 7.48 -7.76
C LYS B 99 5.59 6.65 -8.60
N VAL B 100 4.41 7.20 -8.85
CA VAL B 100 3.39 6.53 -9.70
C VAL B 100 2.83 7.54 -10.69
N SER B 101 3.04 7.31 -11.97
CA SER B 101 2.51 8.17 -13.05
C SER B 101 1.50 7.36 -13.87
N TYR B 102 0.72 8.05 -14.68
CA TYR B 102 -0.27 7.39 -15.53
C TYR B 102 -0.15 7.87 -16.97
N GLY B 103 -0.09 6.92 -17.90
CA GLY B 103 -0.16 7.26 -19.30
C GLY B 103 1.21 7.47 -19.91
N ILE B 104 1.20 7.82 -21.19
CA ILE B 104 2.42 8.07 -21.93
C ILE B 104 2.49 9.53 -22.37
N GLY B 105 1.86 10.44 -21.63
CA GLY B 105 1.92 11.88 -21.93
C GLY B 105 1.25 12.23 -23.24
N ASP B 106 -0.10 12.26 -23.31
CA ASP B 106 -0.87 12.49 -24.55
C ASP B 106 -1.94 13.55 -24.31
N GLU B 112 -7.62 6.89 -21.70
CA GLU B 112 -7.02 5.61 -22.18
C GLU B 112 -7.08 4.53 -21.09
N GLY B 113 -6.42 4.74 -19.96
CA GLY B 113 -6.37 3.69 -18.93
C GLY B 113 -5.67 2.45 -19.44
N ARG B 114 -4.50 2.60 -20.02
CA ARG B 114 -3.78 1.46 -20.62
C ARG B 114 -2.42 1.31 -19.96
N VAL B 115 -1.88 2.38 -19.37
CA VAL B 115 -0.47 2.32 -18.88
C VAL B 115 -0.31 2.92 -17.49
N ILE B 116 0.34 2.18 -16.59
CA ILE B 116 0.69 2.72 -15.25
C ILE B 116 2.21 2.63 -15.11
N VAL B 117 2.86 3.73 -14.74
CA VAL B 117 4.33 3.76 -14.53
C VAL B 117 4.64 3.88 -13.04
N ALA B 118 5.52 3.02 -12.53
CA ALA B 118 5.80 2.97 -11.08
C ALA B 118 7.29 2.80 -10.82
N GLU B 119 7.88 3.70 -10.04
CA GLU B 119 9.33 3.67 -9.75
C GLU B 119 9.61 2.99 -8.43
N PHE B 120 10.67 2.18 -8.39
CA PHE B 120 11.07 1.50 -7.13
C PHE B 120 12.53 1.85 -6.86
N ASP B 121 13.13 1.29 -5.80
CA ASP B 121 14.56 1.52 -5.48
C ASP B 121 15.45 1.08 -6.63
N SER B 122 15.37 -0.18 -7.09
CA SER B 122 16.32 -0.69 -8.11
C SER B 122 15.78 -0.63 -9.54
N PHE B 123 14.48 -0.42 -9.74
CA PHE B 123 13.94 -0.53 -11.11
C PHE B 123 12.71 0.35 -11.39
N VAL B 124 12.31 0.43 -12.66
CA VAL B 124 11.08 1.14 -13.08
C VAL B 124 10.15 0.08 -13.68
N LEU B 125 8.94 -0.02 -13.17
CA LEU B 125 7.95 -1.00 -13.68
C LEU B 125 6.88 -0.26 -14.46
N VAL B 126 6.62 -0.71 -15.68
CA VAL B 126 5.50 -0.17 -16.49
C VAL B 126 4.54 -1.33 -16.73
N THR B 127 3.26 -1.11 -16.53
CA THR B 127 2.26 -2.14 -16.90
C THR B 127 1.51 -1.58 -18.09
N ALA B 128 1.07 -2.46 -18.98
CA ALA B 128 0.43 -1.98 -20.23
C ALA B 128 -0.65 -2.91 -20.79
N TYR B 129 -1.70 -2.32 -21.36
CA TYR B 129 -2.72 -3.07 -22.11
C TYR B 129 -2.70 -2.38 -23.47
N VAL B 130 -1.95 -2.92 -24.42
CA VAL B 130 -1.77 -2.27 -25.74
C VAL B 130 -3.05 -2.38 -26.55
N PRO B 131 -3.52 -1.31 -27.21
CA PRO B 131 -4.71 -1.36 -28.03
C PRO B 131 -4.79 -2.48 -29.09
N ASP B 132 -5.91 -3.18 -29.14
CA ASP B 132 -6.11 -4.20 -30.20
C ASP B 132 -6.27 -3.50 -31.54
N ALA B 133 -5.70 -4.07 -32.60
CA ALA B 133 -5.69 -3.46 -33.93
C ALA B 133 -7.06 -3.54 -34.62
N GLY B 134 -8.00 -4.27 -34.07
CA GLY B 134 -9.36 -4.32 -34.60
C GLY B 134 -9.65 -5.54 -35.45
N ARG B 135 -10.85 -6.15 -35.31
CA ARG B 135 -11.25 -7.27 -36.19
C ARG B 135 -11.41 -6.64 -37.58
N GLY B 136 -10.52 -6.93 -38.54
CA GLY B 136 -10.51 -6.24 -39.84
C GLY B 136 -9.41 -5.20 -39.87
N LEU B 137 -8.59 -5.16 -38.82
CA LEU B 137 -7.46 -4.20 -38.71
C LEU B 137 -7.98 -2.76 -38.81
N VAL B 138 -9.12 -2.47 -38.17
CA VAL B 138 -9.75 -1.12 -38.19
C VAL B 138 -8.90 -0.14 -37.37
N ARG B 139 -8.27 -0.64 -36.31
CA ARG B 139 -7.42 0.22 -35.44
C ARG B 139 -5.92 -0.04 -35.67
N LEU B 140 -5.53 -0.58 -36.81
CA LEU B 140 -4.10 -0.91 -37.07
C LEU B 140 -3.28 0.37 -37.23
N GLU B 141 -3.80 1.32 -38.01
CA GLU B 141 -3.11 2.61 -38.18
C GLU B 141 -2.86 3.21 -36.80
N TYR B 142 -3.87 3.18 -35.94
CA TYR B 142 -3.74 3.76 -34.58
C TYR B 142 -2.73 2.94 -33.78
N ARG B 143 -2.86 1.63 -33.78
CA ARG B 143 -1.94 0.73 -33.03
C ARG B 143 -0.48 1.08 -33.35
N GLN B 144 -0.14 1.24 -34.62
CA GLN B 144 1.25 1.51 -35.02
C GLN B 144 1.70 2.86 -34.49
N ARG B 145 0.82 3.85 -34.46
CA ARG B 145 1.19 5.16 -33.87
C ARG B 145 1.39 4.99 -32.37
N TRP B 146 0.52 4.24 -31.72
CA TRP B 146 0.68 3.93 -30.27
C TRP B 146 2.05 3.27 -30.06
N ASP B 147 2.42 2.34 -30.94
CA ASP B 147 3.73 1.64 -30.83
C ASP B 147 4.87 2.65 -30.84
N GLU B 148 4.84 3.59 -31.78
CA GLU B 148 5.89 4.64 -31.86
C GLU B 148 5.91 5.45 -30.57
N ALA B 149 4.76 5.87 -30.08
CA ALA B 149 4.70 6.72 -28.87
C ALA B 149 5.17 5.94 -27.65
N PHE B 150 4.79 4.69 -27.56
CA PHE B 150 5.20 3.84 -26.42
C PHE B 150 6.71 3.67 -26.44
N ARG B 151 7.25 3.31 -27.59
CA ARG B 151 8.73 3.09 -27.74
C ARG B 151 9.49 4.34 -27.29
N LYS B 152 9.08 5.49 -27.78
CA LYS B 152 9.79 6.74 -27.44
C LYS B 152 9.61 7.02 -25.95
N PHE B 153 8.39 6.90 -25.45
CA PHE B 153 8.11 7.12 -24.00
C PHE B 153 9.04 6.22 -23.18
N LEU B 154 9.16 4.95 -23.56
CA LEU B 154 9.95 3.98 -22.78
C LEU B 154 11.45 4.26 -22.91
N LYS B 155 11.88 4.74 -24.07
CA LYS B 155 13.31 5.06 -24.31
C LYS B 155 13.72 6.16 -23.35
N GLY B 156 12.77 7.02 -22.97
CA GLY B 156 13.05 8.12 -22.03
C GLY B 156 12.75 7.73 -20.59
N LEU B 157 12.90 6.46 -20.24
CA LEU B 157 12.62 5.95 -18.87
C LEU B 157 13.76 5.00 -18.55
N ALA B 158 14.12 4.16 -19.52
CA ALA B 158 15.28 3.25 -19.37
C ALA B 158 16.48 4.14 -19.06
N SER B 159 16.50 5.36 -19.59
CA SER B 159 17.62 6.30 -19.38
C SER B 159 18.06 6.32 -17.93
N ARG B 160 17.13 6.50 -16.98
CA ARG B 160 17.54 6.65 -15.56
C ARG B 160 17.81 5.28 -14.95
N LYS B 161 16.78 4.60 -14.45
CA LYS B 161 16.97 3.28 -13.76
C LYS B 161 16.67 2.13 -14.73
N PRO B 162 17.00 0.86 -14.41
CA PRO B 162 16.59 -0.27 -15.25
C PRO B 162 15.08 -0.38 -15.42
N LEU B 163 14.62 -1.08 -16.46
CA LEU B 163 13.18 -1.15 -16.77
C LEU B 163 12.62 -2.56 -16.74
N VAL B 164 11.39 -2.71 -16.28
CA VAL B 164 10.64 -4.00 -16.38
C VAL B 164 9.31 -3.58 -16.98
N LEU B 165 8.93 -4.16 -18.12
CA LEU B 165 7.64 -3.85 -18.78
C LEU B 165 6.78 -5.11 -18.84
N CYS B 166 5.58 -5.03 -18.30
CA CYS B 166 4.71 -6.24 -18.23
C CYS B 166 3.29 -5.90 -18.64
N GLY B 167 2.57 -6.90 -19.14
CA GLY B 167 1.16 -6.69 -19.51
C GLY B 167 0.79 -7.26 -20.85
N ASP B 168 -0.47 -7.14 -21.26
CA ASP B 168 -0.89 -7.64 -22.59
C ASP B 168 -0.30 -6.71 -23.63
N LEU B 169 0.81 -7.07 -24.29
CA LEU B 169 1.40 -6.25 -25.37
C LEU B 169 0.61 -6.46 -26.68
N ASN B 170 -0.28 -7.45 -26.74
CA ASN B 170 -1.24 -7.66 -27.85
C ASN B 170 -0.55 -7.94 -29.19
N VAL B 171 0.56 -8.65 -29.18
CA VAL B 171 1.28 -9.10 -30.42
C VAL B 171 1.79 -10.49 -30.09
N ALA B 172 1.92 -11.41 -31.03
CA ALA B 172 2.59 -12.72 -30.87
C ALA B 172 3.88 -12.51 -31.68
N HIS B 173 4.94 -12.03 -31.05
CA HIS B 173 6.21 -11.65 -31.74
C HIS B 173 6.56 -12.54 -32.94
N GLU B 174 6.77 -13.83 -32.69
CA GLU B 174 7.20 -14.80 -33.73
C GLU B 174 6.23 -15.98 -33.80
N GLU B 175 6.40 -16.84 -34.79
CA GLU B 175 5.50 -18.01 -35.01
C GLU B 175 5.46 -18.96 -33.82
N ILE B 176 6.54 -19.08 -33.05
CA ILE B 176 6.59 -19.93 -31.83
C ILE B 176 5.62 -19.40 -30.76
N ASP B 177 5.18 -18.15 -30.89
CA ASP B 177 4.34 -17.59 -29.81
C ASP B 177 2.85 -17.85 -30.08
N LEU B 178 2.50 -18.50 -31.19
CA LEU B 178 1.07 -18.81 -31.43
C LEU B 178 0.91 -20.17 -32.10
N ARG B 179 -0.30 -20.73 -32.04
CA ARG B 179 -0.57 -22.08 -32.59
C ARG B 179 -0.83 -22.03 -34.10
N ASN B 180 -1.38 -20.92 -34.60
CA ASN B 180 -1.70 -20.81 -36.04
C ASN B 180 -0.97 -19.63 -36.68
N PRO B 181 0.36 -19.68 -36.87
CA PRO B 181 1.05 -18.64 -37.57
C PRO B 181 0.53 -18.32 -38.96
N LYS B 182 0.52 -19.32 -39.85
CA LYS B 182 0.12 -19.13 -41.28
C LYS B 182 -1.31 -18.63 -41.39
N GLY B 183 -2.21 -19.07 -40.51
CA GLY B 183 -3.62 -18.67 -40.58
C GLY B 183 -3.98 -17.31 -39.96
N ASN B 184 -3.08 -16.68 -39.21
CA ASN B 184 -3.44 -15.42 -38.50
C ASN B 184 -2.49 -14.27 -38.85
N LYS B 185 -1.85 -14.29 -40.01
CA LYS B 185 -0.90 -13.23 -40.43
C LYS B 185 -1.63 -11.98 -40.93
N LYS B 186 -2.95 -12.01 -41.03
CA LYS B 186 -3.76 -10.80 -41.36
C LYS B 186 -4.73 -10.64 -40.21
N ASN B 187 -4.43 -11.23 -39.04
CA ASN B 187 -5.29 -11.08 -37.86
C ASN B 187 -4.59 -10.25 -36.80
N ALA B 188 -5.35 -9.43 -36.07
CA ALA B 188 -4.79 -8.57 -34.99
C ALA B 188 -3.90 -9.39 -34.07
N GLY B 189 -2.62 -9.03 -33.99
CA GLY B 189 -1.69 -9.72 -33.08
C GLY B 189 -0.68 -10.57 -33.82
N PHE B 190 -0.80 -10.65 -35.14
CA PHE B 190 0.18 -11.41 -35.95
C PHE B 190 0.30 -10.72 -37.31
N THR B 191 -0.02 -9.44 -37.33
CA THR B 191 0.18 -8.69 -38.57
C THR B 191 1.64 -8.28 -38.58
N PRO B 192 2.28 -8.14 -39.74
CA PRO B 192 3.70 -7.83 -39.76
C PRO B 192 4.02 -6.43 -39.22
N GLN B 193 3.03 -5.55 -39.16
CA GLN B 193 3.24 -4.18 -38.64
C GLN B 193 3.28 -4.23 -37.12
N GLU B 194 2.57 -5.19 -36.53
CA GLU B 194 2.58 -5.39 -35.10
C GLU B 194 3.78 -6.20 -34.67
N ARG B 195 4.17 -7.17 -35.48
CA ARG B 195 5.33 -8.03 -35.15
C ARG B 195 6.63 -7.21 -35.21
N GLN B 196 6.73 -6.33 -36.20
CA GLN B 196 7.91 -5.44 -36.32
C GLN B 196 7.89 -4.42 -35.18
N GLY B 197 6.71 -4.08 -34.67
CA GLY B 197 6.63 -3.18 -33.51
C GLY B 197 7.31 -3.79 -32.30
N PHE B 198 7.10 -5.09 -32.11
CA PHE B 198 7.75 -5.80 -30.99
C PHE B 198 9.27 -5.74 -31.17
N GLY B 199 9.75 -6.06 -32.36
CA GLY B 199 11.20 -6.00 -32.63
C GLY B 199 11.78 -4.62 -32.37
N GLU B 200 11.06 -3.56 -32.72
CA GLU B 200 11.55 -2.17 -32.50
C GLU B 200 11.58 -1.86 -31.00
N LEU B 201 10.64 -2.42 -30.26
CA LEU B 201 10.61 -2.22 -28.80
C LEU B 201 11.87 -2.89 -28.23
N LEU B 202 12.16 -4.09 -28.70
CA LEU B 202 13.31 -4.85 -28.16
C LEU B 202 14.63 -4.18 -28.53
N GLN B 203 14.69 -3.46 -29.64
CA GLN B 203 16.00 -2.92 -30.11
C GLN B 203 16.19 -1.48 -29.66
N ALA B 204 15.12 -0.70 -29.60
CA ALA B 204 15.26 0.75 -29.30
C ALA B 204 15.39 1.03 -27.80
N VAL B 205 14.58 0.38 -26.97
CA VAL B 205 14.58 0.74 -25.51
C VAL B 205 15.96 0.55 -24.87
N PRO B 206 16.76 -0.52 -25.08
CA PRO B 206 16.31 -1.83 -25.52
C PRO B 206 15.74 -2.73 -24.42
N LEU B 207 15.22 -3.89 -24.81
CA LEU B 207 14.58 -4.80 -23.83
C LEU B 207 14.79 -6.25 -24.26
N ALA B 208 14.75 -7.17 -23.30
CA ALA B 208 14.84 -8.60 -23.62
C ALA B 208 13.54 -9.31 -23.22
N ASP B 209 13.11 -10.29 -23.99
CA ASP B 209 11.91 -11.09 -23.65
C ASP B 209 12.31 -12.09 -22.55
N SER B 210 12.04 -11.77 -21.29
CA SER B 210 12.34 -12.66 -20.14
C SER B 210 12.09 -14.14 -20.48
N PHE B 211 10.86 -14.50 -20.85
CA PHE B 211 10.52 -15.90 -21.16
C PHE B 211 11.40 -16.51 -22.25
N ARG B 212 11.58 -15.82 -23.37
CA ARG B 212 12.34 -16.38 -24.52
C ARG B 212 13.83 -16.42 -24.21
N HIS B 213 14.31 -15.52 -23.36
CA HIS B 213 15.74 -15.51 -22.98
C HIS B 213 16.06 -16.84 -22.30
N LEU B 214 15.10 -17.36 -21.55
CA LEU B 214 15.34 -18.63 -20.82
C LEU B 214 14.88 -19.81 -21.66
N TYR B 215 13.78 -19.66 -22.37
CA TYR B 215 13.21 -20.79 -23.15
C TYR B 215 13.26 -20.45 -24.66
N PRO B 216 14.41 -20.23 -25.36
CA PRO B 216 14.38 -19.82 -26.78
C PRO B 216 13.63 -20.78 -27.72
N ASN B 217 13.75 -22.08 -27.48
CA ASN B 217 13.17 -23.07 -28.41
C ASN B 217 11.83 -23.62 -27.91
N THR B 218 11.36 -23.21 -26.74
CA THR B 218 10.13 -23.83 -26.15
C THR B 218 8.85 -23.46 -26.89
N PRO B 219 8.11 -24.46 -27.41
CA PRO B 219 6.88 -24.21 -28.13
C PRO B 219 5.59 -24.35 -27.33
N TYR B 220 4.47 -24.02 -27.96
CA TYR B 220 3.15 -24.18 -27.32
C TYR B 220 3.07 -23.40 -26.00
N ALA B 221 3.96 -22.42 -25.77
CA ALA B 221 3.99 -21.57 -24.56
C ALA B 221 3.17 -20.32 -24.84
N TYR B 222 1.98 -20.29 -24.32
CA TYR B 222 0.98 -19.25 -24.67
C TYR B 222 0.26 -18.69 -23.40
N THR B 223 -0.33 -17.46 -23.44
CA THR B 223 -1.03 -16.80 -22.29
C THR B 223 -2.38 -16.19 -22.71
N PHE B 224 -3.05 -16.67 -23.76
CA PHE B 224 -4.38 -16.20 -24.19
C PHE B 224 -5.03 -17.28 -25.06
N TRP B 225 -6.29 -17.60 -24.80
CA TRP B 225 -7.04 -18.55 -25.65
C TRP B 225 -8.45 -17.98 -25.80
N THR B 226 -8.96 -17.93 -27.02
CA THR B 226 -10.31 -17.42 -27.27
C THR B 226 -11.32 -18.29 -26.53
N TYR B 227 -12.31 -17.65 -25.93
CA TYR B 227 -13.35 -18.38 -25.17
C TYR B 227 -14.12 -19.28 -26.14
N MET B 228 -14.16 -18.91 -27.41
CA MET B 228 -14.89 -19.64 -28.44
C MET B 228 -14.23 -20.98 -28.81
N MET B 229 -15.04 -21.97 -29.15
CA MET B 229 -14.53 -23.27 -29.64
C MET B 229 -13.62 -23.93 -28.60
N ASN B 230 -13.87 -23.68 -27.32
CA ASN B 230 -13.04 -24.23 -26.21
C ASN B 230 -11.58 -24.27 -26.63
N ALA B 231 -11.00 -23.15 -27.06
CA ALA B 231 -9.62 -23.20 -27.58
C ALA B 231 -8.60 -23.51 -26.46
N ARG B 232 -8.97 -23.25 -25.21
CA ARG B 232 -8.06 -23.52 -24.06
C ARG B 232 -8.01 -25.03 -23.83
N SER B 233 -9.07 -25.77 -24.20
CA SER B 233 -9.05 -27.25 -24.08
C SER B 233 -7.97 -27.83 -25.00
N LYS B 234 -7.76 -27.23 -26.16
CA LYS B 234 -6.79 -27.77 -27.14
C LYS B 234 -5.46 -27.04 -27.03
N ASN B 235 -5.36 -26.05 -26.15
CA ASN B 235 -4.14 -25.21 -26.08
C ASN B 235 -3.92 -24.57 -27.44
N VAL B 236 -5.00 -24.14 -28.09
CA VAL B 236 -4.85 -23.36 -29.34
C VAL B 236 -4.78 -21.93 -28.84
N GLY B 237 -3.58 -21.38 -28.68
CA GLY B 237 -3.49 -20.06 -28.06
C GLY B 237 -2.51 -19.09 -28.65
N TRP B 238 -2.26 -18.00 -27.92
CA TRP B 238 -1.35 -16.93 -28.39
C TRP B 238 -0.58 -16.43 -27.17
N ARG B 239 0.70 -16.13 -27.33
CA ARG B 239 1.48 -15.50 -26.24
C ARG B 239 1.41 -14.00 -26.47
N LEU B 240 0.60 -13.31 -25.69
CA LEU B 240 0.40 -11.86 -25.87
C LEU B 240 0.81 -11.14 -24.59
N ASP B 241 1.13 -11.89 -23.53
CA ASP B 241 1.45 -11.30 -22.21
C ASP B 241 2.93 -11.52 -21.93
N TYR B 242 3.73 -10.47 -21.78
CA TYR B 242 5.20 -10.61 -21.67
C TYR B 242 5.79 -9.85 -20.51
N PHE B 243 6.93 -10.29 -19.99
CA PHE B 243 7.74 -9.55 -19.01
C PHE B 243 8.97 -9.17 -19.83
N LEU B 244 9.08 -7.91 -20.20
CA LEU B 244 10.24 -7.43 -20.95
C LEU B 244 11.18 -6.79 -19.94
N LEU B 245 12.49 -6.98 -20.08
CA LEU B 245 13.47 -6.52 -19.06
C LEU B 245 14.64 -5.77 -19.68
N SER B 246 15.12 -4.74 -19.02
CA SER B 246 16.36 -4.10 -19.47
C SER B 246 17.49 -5.12 -19.37
N HIS B 247 18.38 -5.16 -20.34
N HIS B 247 18.44 -5.10 -20.29
CA HIS B 247 19.59 -6.03 -20.34
CA HIS B 247 19.56 -6.08 -20.31
C HIS B 247 20.32 -6.06 -18.99
C HIS B 247 20.33 -6.08 -18.96
N SER B 248 20.46 -4.92 -18.30
CA SER B 248 21.13 -4.84 -17.00
C SER B 248 20.44 -5.72 -15.96
N LEU B 249 19.21 -6.12 -16.23
CA LEU B 249 18.41 -6.91 -15.25
C LEU B 249 18.48 -8.41 -15.54
N LEU B 250 19.01 -8.79 -16.70
CA LEU B 250 19.17 -10.23 -17.05
C LEU B 250 19.97 -11.02 -16.01
N PRO B 251 21.08 -10.52 -15.39
CA PRO B 251 21.75 -11.31 -14.35
C PRO B 251 20.90 -11.53 -13.09
N ALA B 252 19.84 -10.72 -12.92
CA ALA B 252 18.93 -10.87 -11.77
C ALA B 252 17.77 -11.79 -12.16
N LEU B 253 17.73 -12.24 -13.40
CA LEU B 253 16.59 -13.04 -13.88
C LEU B 253 16.67 -14.47 -13.39
N CYS B 254 15.77 -14.83 -12.47
CA CYS B 254 15.69 -16.22 -11.97
C CYS B 254 14.76 -17.02 -12.88
N ASP B 255 13.56 -16.51 -13.14
CA ASP B 255 12.61 -17.20 -14.07
C ASP B 255 11.45 -16.31 -14.54
N SER B 256 10.80 -16.68 -15.64
CA SER B 256 9.58 -16.02 -16.15
C SER B 256 8.59 -17.16 -16.31
N LYS B 257 7.43 -17.07 -15.68
CA LYS B 257 6.47 -18.21 -15.65
C LYS B 257 5.19 -17.96 -16.45
N ILE B 258 4.52 -19.06 -16.84
CA ILE B 258 3.23 -18.99 -17.55
C ILE B 258 2.24 -19.86 -16.75
N ARG B 259 1.23 -19.31 -16.07
CA ARG B 259 0.29 -20.15 -15.26
C ARG B 259 -0.92 -20.50 -16.14
N SER B 260 -0.79 -21.45 -17.06
CA SER B 260 -1.85 -21.83 -18.05
C SER B 260 -3.06 -22.58 -17.46
N LYS B 261 -3.06 -22.89 -16.15
CA LYS B 261 -4.14 -23.60 -15.40
C LYS B 261 -4.92 -22.68 -14.46
N ALA B 262 -4.34 -21.57 -14.00
CA ALA B 262 -5.04 -20.54 -13.18
C ALA B 262 -6.17 -19.95 -14.00
N LEU B 263 -7.38 -20.04 -13.46
CA LEU B 263 -8.56 -19.61 -14.23
C LEU B 263 -9.09 -18.25 -13.77
N GLY B 264 -9.95 -17.65 -14.59
CA GLY B 264 -10.58 -16.36 -14.25
C GLY B 264 -10.70 -15.45 -15.45
N SER B 265 -10.06 -15.80 -16.56
CA SER B 265 -10.03 -14.87 -17.72
C SER B 265 -9.74 -15.63 -19.02
N ASP B 266 -9.82 -14.96 -20.15
CA ASP B 266 -9.41 -15.59 -21.44
C ASP B 266 -7.88 -15.53 -21.51
N HIS B 267 -7.24 -14.93 -20.50
CA HIS B 267 -5.77 -14.85 -20.42
C HIS B 267 -5.30 -15.52 -19.15
N CYS B 268 -4.04 -15.92 -19.14
CA CYS B 268 -3.47 -16.63 -17.98
C CYS B 268 -2.53 -15.69 -17.24
N PRO B 269 -2.30 -15.89 -15.93
CA PRO B 269 -1.34 -15.10 -15.21
C PRO B 269 0.09 -15.40 -15.67
N ILE B 270 0.98 -14.42 -15.63
CA ILE B 270 2.42 -14.66 -15.91
C ILE B 270 3.21 -14.15 -14.70
N THR B 271 4.28 -14.84 -14.31
CA THR B 271 4.99 -14.46 -13.06
C THR B 271 6.49 -14.27 -13.29
N LEU B 272 7.09 -13.23 -12.70
CA LEU B 272 8.53 -12.94 -12.85
C LEU B 272 9.22 -13.05 -11.51
N TYR B 273 10.37 -13.71 -11.50
CA TYR B 273 11.18 -13.84 -10.28
C TYR B 273 12.53 -13.15 -10.56
N LEU B 274 12.82 -12.09 -9.82
CA LEU B 274 14.07 -11.33 -10.00
C LEU B 274 14.87 -11.34 -8.70
N ALA B 275 16.18 -11.53 -8.81
CA ALA B 275 17.08 -11.60 -7.64
C ALA B 275 17.82 -10.28 -7.52
N LEU B 276 17.27 -9.35 -6.76
CA LEU B 276 17.86 -8.00 -6.70
C LEU B 276 18.67 -7.82 -5.42
O5' 3DR C 1 3.64 18.94 17.20
P 3DR C 1 3.48 17.32 16.99
OP1 3DR C 1 2.41 16.83 17.89
OP2 3DR C 1 4.77 16.70 17.36
OP3 3DR C 1 3.17 17.05 15.57
C2' 3DR C 1 1.95 21.34 20.47
C5' 3DR C 1 3.74 19.47 18.49
C4' 3DR C 1 3.03 20.75 18.53
O4' 3DR C 1 1.61 20.51 18.36
C1' 3DR C 1 0.93 21.13 19.28
C3' 3DR C 1 3.28 21.38 19.67
O3' 3DR C 1 3.67 22.78 19.42
S SO4 F . -20.83 3.66 19.36
O1 SO4 F . -20.42 2.41 19.91
O2 SO4 F . -22.02 4.06 19.99
O3 SO4 F . -19.85 4.66 19.59
O4 SO4 F . -21.05 3.50 17.95
#